data_6TCH
#
_entry.id   6TCH
#
_cell.length_a   82.475
_cell.length_b   112.282
_cell.length_c   62.758
_cell.angle_alpha   90.000
_cell.angle_beta   90.000
_cell.angle_gamma   90.000
#
_symmetry.space_group_name_H-M   'C 2 2 21'
#
loop_
_entity.id
_entity.type
_entity.pdbx_description
1 polymer '14-3-3 protein sigma'
2 polymer DLY-NVA-PPN-KCJ-SEP-PPN-B3S-BAL-PPN-LYS
3 non-polymer 'MAGNESIUM ION'
4 non-polymer 'CHLORIDE ION'
5 water water
#
loop_
_entity_poly.entity_id
_entity_poly.type
_entity_poly.pdbx_seq_one_letter_code
_entity_poly.pdbx_strand_id
1 'polypeptide(L)'
;GAMGSMERASLIQKAKLAEQAERYEDMAAFMKGAVEKGEELSCEERNLLSVAYKNVVGGQRAAWRVLSSIEQKSNEEGSE
EKGPEVREYREKVETELQGVCDTVLGLLDSHLIKEAGDAESRVFYLKMKGDYYRYLAEVATGDDKKRIIDSARSAYQEAM
DISKKEMPPTNPIRLGLALNFSVFHYEIANSPEEAISLAKTTFDEAMADLHTLSEDSYKDSTLIMQLLRDNLTLWT
;
B
2 'polypeptide(L)' (NH2)(DLY)(NVA)(PPN)(KCJ)(SEP)(PPN)(B3S)(BAL)(PPN)K(NH2) A
#
# COMPACT_ATOMS: atom_id res chain seq x y z
N GLY A 1 -2.50 8.21 -23.63
CA GLY A 1 -1.55 7.29 -22.96
C GLY A 1 -1.09 6.23 -23.94
N ALA A 2 0.12 5.71 -23.72
CA ALA A 2 0.71 4.78 -24.67
C ALA A 2 -0.03 3.45 -24.74
N MET A 3 -0.90 3.16 -23.77
CA MET A 3 -1.71 1.95 -23.82
C MET A 3 -3.10 2.19 -24.40
N GLY A 4 -3.35 3.41 -24.86
CA GLY A 4 -4.68 3.73 -25.36
C GLY A 4 -5.15 2.88 -26.53
N SER A 5 -4.21 2.37 -27.34
CA SER A 5 -4.59 1.58 -28.50
C SER A 5 -4.73 0.09 -28.23
N MET A 6 -4.44 -0.37 -27.01
CA MET A 6 -4.52 -1.78 -26.71
C MET A 6 -5.85 -2.14 -26.05
N GLU A 7 -6.40 -3.29 -26.45
CA GLU A 7 -7.64 -3.79 -25.84
C GLU A 7 -7.49 -3.96 -24.33
N ARG A 8 -8.57 -3.69 -23.60
CA ARG A 8 -8.56 -3.92 -22.16
C ARG A 8 -8.16 -5.34 -21.84
N ALA A 9 -8.76 -6.32 -22.53
CA ALA A 9 -8.48 -7.71 -22.21
C ALA A 9 -7.02 -8.07 -22.48
N SER A 10 -6.44 -7.48 -23.52
CA SER A 10 -5.03 -7.71 -23.85
C SER A 10 -4.09 -7.12 -22.80
N LEU A 11 -4.45 -5.93 -22.30
CA LEU A 11 -3.69 -5.32 -21.19
C LEU A 11 -3.70 -6.22 -19.94
N ILE A 12 -4.87 -6.76 -19.60
N ILE A 12 -4.86 -6.78 -19.60
CA ILE A 12 -4.95 -7.65 -18.44
CA ILE A 12 -4.91 -7.64 -18.42
C ILE A 12 -4.13 -8.90 -18.67
C ILE A 12 -4.13 -8.93 -18.66
N GLN A 13 -4.26 -9.51 -19.87
CA GLN A 13 -3.46 -10.68 -20.20
C GLN A 13 -1.97 -10.39 -20.08
N LYS A 14 -1.53 -9.23 -20.59
CA LYS A 14 -0.11 -8.89 -20.55
C LYS A 14 0.33 -8.52 -19.13
N ALA A 15 -0.53 -7.94 -18.31
CA ALA A 15 -0.16 -7.74 -16.92
C ALA A 15 0.16 -9.07 -16.24
N LYS A 16 -0.62 -10.12 -16.54
CA LYS A 16 -0.38 -11.41 -15.92
C LYS A 16 0.93 -12.02 -16.40
N LEU A 17 1.21 -11.86 -17.70
CA LEU A 17 2.50 -12.31 -18.23
C LEU A 17 3.66 -11.55 -17.59
N ALA A 18 3.53 -10.23 -17.44
CA ALA A 18 4.60 -9.46 -16.83
C ALA A 18 4.84 -9.90 -15.40
N GLU A 19 3.78 -10.23 -14.65
CA GLU A 19 3.94 -10.76 -13.31
C GLU A 19 4.78 -12.05 -13.34
N GLN A 20 4.48 -12.94 -14.28
CA GLN A 20 5.23 -14.20 -14.35
C GLN A 20 6.70 -13.95 -14.69
N ALA A 21 6.97 -12.94 -15.51
CA ALA A 21 8.31 -12.55 -15.89
C ALA A 21 8.98 -11.64 -14.87
N GLU A 22 8.30 -11.31 -13.77
N GLU A 22 8.31 -11.32 -13.77
CA GLU A 22 8.81 -10.38 -12.76
CA GLU A 22 8.83 -10.39 -12.76
C GLU A 22 9.19 -9.04 -13.38
C GLU A 22 9.19 -9.04 -13.39
N ARG A 23 8.37 -8.60 -14.33
CA ARG A 23 8.53 -7.32 -15.00
C ARG A 23 7.48 -6.37 -14.43
N TYR A 24 7.74 -5.86 -13.22
CA TYR A 24 6.67 -5.17 -12.51
C TYR A 24 6.40 -3.76 -13.01
N GLU A 25 7.40 -3.06 -13.55
N GLU A 25 7.40 -3.06 -13.55
CA GLU A 25 7.12 -1.77 -14.18
CA GLU A 25 7.12 -1.77 -14.18
C GLU A 25 6.19 -1.95 -15.36
C GLU A 25 6.19 -1.94 -15.37
N ASP A 26 6.45 -2.95 -16.21
CA ASP A 26 5.55 -3.26 -17.31
C ASP A 26 4.16 -3.60 -16.77
N MET A 27 4.12 -4.44 -15.74
CA MET A 27 2.84 -4.85 -15.16
C MET A 27 2.02 -3.66 -14.72
N ALA A 28 2.67 -2.69 -14.05
CA ALA A 28 1.97 -1.49 -13.60
C ALA A 28 1.48 -0.65 -14.78
N ALA A 29 2.31 -0.50 -15.81
CA ALA A 29 1.89 0.27 -16.97
C ALA A 29 0.71 -0.39 -17.68
N PHE A 30 0.70 -1.73 -17.77
CA PHE A 30 -0.44 -2.41 -18.37
C PHE A 30 -1.71 -2.20 -17.53
N MET A 31 -1.58 -2.31 -16.21
CA MET A 31 -2.76 -2.13 -15.37
C MET A 31 -3.24 -0.68 -15.34
N LYS A 32 -2.33 0.29 -15.38
CA LYS A 32 -2.72 1.69 -15.53
C LYS A 32 -3.54 1.85 -16.80
N GLY A 33 -3.07 1.26 -17.91
CA GLY A 33 -3.83 1.33 -19.14
C GLY A 33 -5.21 0.71 -19.02
N ALA A 34 -5.30 -0.44 -18.32
CA ALA A 34 -6.58 -1.09 -18.11
C ALA A 34 -7.52 -0.20 -17.30
N VAL A 35 -7.03 0.39 -16.22
CA VAL A 35 -7.86 1.29 -15.43
C VAL A 35 -8.38 2.44 -16.28
N GLU A 36 -7.51 3.02 -17.12
CA GLU A 36 -7.86 4.17 -17.95
C GLU A 36 -8.88 3.84 -19.02
N LYS A 37 -9.19 2.56 -19.23
CA LYS A 37 -10.32 2.24 -20.09
C LYS A 37 -11.65 2.70 -19.52
N GLY A 38 -11.73 2.92 -18.22
CA GLY A 38 -12.90 3.53 -17.59
C GLY A 38 -13.91 2.60 -16.99
N GLU A 39 -13.75 1.28 -17.20
CA GLU A 39 -14.63 0.30 -16.58
C GLU A 39 -14.13 -0.05 -15.17
N GLU A 40 -15.07 -0.42 -14.30
CA GLU A 40 -14.70 -0.90 -12.98
C GLU A 40 -13.78 -2.13 -13.12
N LEU A 41 -13.02 -2.40 -12.07
CA LEU A 41 -12.14 -3.56 -12.03
C LEU A 41 -12.76 -4.68 -11.23
N SER A 42 -12.57 -5.90 -11.72
CA SER A 42 -12.96 -7.07 -10.96
C SER A 42 -12.02 -7.32 -9.79
N CYS A 43 -12.38 -8.30 -8.96
CA CYS A 43 -11.55 -8.66 -7.81
C CYS A 43 -10.15 -9.04 -8.24
N GLU A 44 -10.04 -9.92 -9.25
CA GLU A 44 -8.73 -10.33 -9.73
C GLU A 44 -7.95 -9.16 -10.33
N GLU A 45 -8.63 -8.29 -11.05
CA GLU A 45 -7.97 -7.13 -11.66
C GLU A 45 -7.46 -6.15 -10.59
N ARG A 46 -8.24 -5.94 -9.53
CA ARG A 46 -7.78 -5.09 -8.44
C ARG A 46 -6.52 -5.68 -7.83
N ASN A 47 -6.47 -7.01 -7.69
CA ASN A 47 -5.27 -7.62 -7.13
C ASN A 47 -4.07 -7.35 -8.03
N LEU A 48 -4.26 -7.43 -9.35
CA LEU A 48 -3.15 -7.22 -10.26
C LEU A 48 -2.62 -5.79 -10.14
N LEU A 49 -3.53 -4.82 -10.02
CA LEU A 49 -3.14 -3.43 -9.87
C LEU A 49 -2.29 -3.24 -8.63
N SER A 50 -2.75 -3.79 -7.50
N SER A 50 -2.74 -3.78 -7.49
CA SER A 50 -2.06 -3.61 -6.23
CA SER A 50 -2.02 -3.57 -6.25
C SER A 50 -0.71 -4.32 -6.21
C SER A 50 -0.69 -4.31 -6.22
N VAL A 51 -0.64 -5.54 -6.73
CA VAL A 51 0.64 -6.26 -6.80
C VAL A 51 1.64 -5.48 -7.63
N ALA A 52 1.20 -4.99 -8.79
CA ALA A 52 2.13 -4.30 -9.70
C ALA A 52 2.77 -3.09 -9.01
N TYR A 53 1.96 -2.21 -8.48
CA TYR A 53 2.51 -0.99 -7.91
C TYR A 53 3.20 -1.24 -6.58
N LYS A 54 2.77 -2.27 -5.83
CA LYS A 54 3.47 -2.64 -4.60
C LYS A 54 4.93 -2.94 -4.91
N ASN A 55 5.17 -3.71 -5.97
CA ASN A 55 6.51 -4.10 -6.33
C ASN A 55 7.31 -2.93 -6.90
N VAL A 56 6.68 -2.07 -7.68
CA VAL A 56 7.41 -0.92 -8.21
C VAL A 56 7.83 0.00 -7.06
N VAL A 57 6.87 0.41 -6.22
N VAL A 57 6.87 0.43 -6.22
CA VAL A 57 7.19 1.32 -5.13
CA VAL A 57 7.21 1.34 -5.15
C VAL A 57 8.08 0.65 -4.10
C VAL A 57 8.11 0.65 -4.12
N GLY A 58 7.99 -0.68 -3.99
CA GLY A 58 8.82 -1.39 -3.04
C GLY A 58 10.30 -1.32 -3.38
N GLY A 59 10.63 -1.44 -4.65
CA GLY A 59 12.01 -1.21 -5.08
C GLY A 59 12.48 0.22 -4.81
N GLN A 60 11.61 1.21 -5.07
CA GLN A 60 11.99 2.59 -4.84
C GLN A 60 12.17 2.86 -3.36
N ARG A 61 11.28 2.33 -2.51
CA ARG A 61 11.42 2.56 -1.08
C ARG A 61 12.70 1.95 -0.53
N ALA A 62 13.01 0.74 -0.97
CA ALA A 62 14.24 0.10 -0.52
C ALA A 62 15.47 0.88 -0.95
N ALA A 63 15.47 1.38 -2.17
CA ALA A 63 16.60 2.22 -2.62
C ALA A 63 16.68 3.51 -1.85
N TRP A 64 15.53 4.17 -1.65
CA TRP A 64 15.52 5.42 -0.90
C TRP A 64 16.08 5.22 0.50
N ARG A 65 15.75 4.11 1.16
CA ARG A 65 16.26 3.89 2.50
C ARG A 65 17.76 3.71 2.51
N VAL A 66 18.30 2.94 1.56
CA VAL A 66 19.74 2.79 1.45
C VAL A 66 20.40 4.15 1.30
N LEU A 67 19.93 4.96 0.36
CA LEU A 67 20.53 6.26 0.08
C LEU A 67 20.37 7.21 1.25
N SER A 68 19.18 7.23 1.87
N SER A 68 19.19 7.23 1.89
CA SER A 68 18.95 8.09 3.03
CA SER A 68 18.99 8.13 3.02
C SER A 68 19.91 7.78 4.17
C SER A 68 19.92 7.78 4.17
N SER A 69 20.17 6.49 4.38
CA SER A 69 21.11 6.07 5.42
C SER A 69 22.50 6.56 5.10
N ILE A 70 22.92 6.43 3.84
CA ILE A 70 24.25 6.92 3.46
C ILE A 70 24.32 8.43 3.67
N GLU A 71 23.25 9.13 3.31
CA GLU A 71 23.21 10.57 3.43
C GLU A 71 23.30 11.00 4.90
N GLN A 72 22.59 10.28 5.76
CA GLN A 72 22.59 10.65 7.18
C GLN A 72 23.99 10.45 7.78
N LYS A 73 24.65 9.35 7.44
CA LYS A 73 25.99 9.14 7.95
C LYS A 73 26.97 10.19 7.45
N SER A 74 26.84 10.59 6.17
CA SER A 74 27.67 11.67 5.67
C SER A 74 27.48 12.97 6.45
N ASN A 75 26.37 13.12 7.15
CA ASN A 75 26.06 14.26 8.01
C ASN A 75 26.48 14.03 9.46
N GLU A 76 27.26 12.98 9.73
CA GLU A 76 27.75 12.68 11.06
C GLU A 76 28.93 13.59 11.40
N GLU A 77 29.27 13.62 12.69
CA GLU A 77 30.46 14.34 13.13
C GLU A 77 31.69 13.55 12.68
N GLY A 78 32.58 14.21 11.94
CA GLY A 78 33.81 13.60 11.47
C GLY A 78 33.75 12.97 10.10
N SER A 79 32.60 13.01 9.43
CA SER A 79 32.47 12.45 8.09
C SER A 79 33.05 13.43 7.08
N GLU A 80 33.91 12.91 6.18
CA GLU A 80 34.54 13.76 5.19
C GLU A 80 33.52 14.21 4.14
N GLU A 81 33.58 15.50 3.81
CA GLU A 81 32.68 16.05 2.79
C GLU A 81 32.92 15.39 1.45
N LYS A 82 31.84 14.90 0.83
CA LYS A 82 31.93 14.25 -0.47
C LYS A 82 31.16 14.98 -1.56
N GLY A 83 30.58 16.14 -1.25
CA GLY A 83 29.89 16.92 -2.26
C GLY A 83 28.40 16.62 -2.27
N PRO A 84 27.70 17.13 -3.29
CA PRO A 84 26.24 17.03 -3.32
C PRO A 84 25.68 15.73 -3.88
N GLU A 85 26.53 14.76 -4.23
CA GLU A 85 26.07 13.66 -5.05
C GLU A 85 25.08 12.77 -4.32
N VAL A 86 25.35 12.47 -3.05
CA VAL A 86 24.45 11.59 -2.31
C VAL A 86 23.06 12.21 -2.20
N ARG A 87 23.01 13.49 -1.80
CA ARG A 87 21.73 14.18 -1.72
C ARG A 87 21.03 14.21 -3.07
N GLU A 88 21.77 14.55 -4.13
CA GLU A 88 21.17 14.65 -5.46
C GLU A 88 20.53 13.33 -5.87
N TYR A 89 21.23 12.23 -5.64
CA TYR A 89 20.74 10.93 -6.09
C TYR A 89 19.59 10.45 -5.20
N ARG A 90 19.67 10.70 -3.88
CA ARG A 90 18.52 10.44 -3.02
C ARG A 90 17.30 11.22 -3.48
N GLU A 91 17.49 12.50 -3.86
CA GLU A 91 16.39 13.31 -4.36
C GLU A 91 15.83 12.74 -5.65
N LYS A 92 16.68 12.23 -6.54
CA LYS A 92 16.20 11.65 -7.78
C LYS A 92 15.28 10.46 -7.52
N VAL A 93 15.73 9.55 -6.67
CA VAL A 93 14.92 8.38 -6.34
C VAL A 93 13.64 8.81 -5.64
N GLU A 94 13.74 9.77 -4.72
CA GLU A 94 12.57 10.27 -4.00
C GLU A 94 11.55 10.87 -4.94
N THR A 95 11.99 11.68 -5.90
CA THR A 95 11.09 12.27 -6.88
C THR A 95 10.40 11.18 -7.71
N GLU A 96 11.15 10.15 -8.09
N GLU A 96 11.13 10.14 -8.08
CA GLU A 96 10.56 9.06 -8.86
CA GLU A 96 10.49 9.09 -8.87
C GLU A 96 9.51 8.32 -8.05
C GLU A 96 9.49 8.31 -8.05
N LEU A 97 9.82 8.04 -6.79
CA LEU A 97 8.87 7.42 -5.86
C LEU A 97 7.61 8.24 -5.70
N GLN A 98 7.76 9.55 -5.45
CA GLN A 98 6.60 10.41 -5.33
C GLN A 98 5.77 10.38 -6.60
N GLY A 99 6.45 10.28 -7.75
CA GLY A 99 5.70 10.25 -8.99
C GLY A 99 4.85 9.00 -9.12
N VAL A 100 5.39 7.86 -8.70
CA VAL A 100 4.62 6.62 -8.72
C VAL A 100 3.43 6.71 -7.76
N CYS A 101 3.66 7.22 -6.56
CA CYS A 101 2.56 7.39 -5.61
C CYS A 101 1.50 8.31 -6.19
N ASP A 102 1.91 9.42 -6.80
CA ASP A 102 0.95 10.34 -7.38
C ASP A 102 0.15 9.68 -8.48
N THR A 103 0.79 8.82 -9.27
CA THR A 103 0.07 8.12 -10.33
C THR A 103 -1.01 7.22 -9.76
N VAL A 104 -0.64 6.42 -8.76
CA VAL A 104 -1.61 5.52 -8.13
C VAL A 104 -2.76 6.32 -7.53
N LEU A 105 -2.43 7.38 -6.76
CA LEU A 105 -3.47 8.20 -6.15
C LEU A 105 -4.36 8.84 -7.21
N GLY A 106 -3.78 9.18 -8.36
CA GLY A 106 -4.57 9.74 -9.43
C GLY A 106 -5.54 8.75 -10.04
N LEU A 107 -5.12 7.48 -10.15
CA LEU A 107 -6.03 6.47 -10.65
C LEU A 107 -7.17 6.26 -9.67
N LEU A 108 -6.86 6.25 -8.37
CA LEU A 108 -7.91 6.07 -7.36
C LEU A 108 -8.91 7.21 -7.40
N ASP A 109 -8.41 8.44 -7.57
CA ASP A 109 -9.27 9.61 -7.58
C ASP A 109 -9.97 9.82 -8.91
N SER A 110 -9.47 9.23 -9.98
CA SER A 110 -10.02 9.43 -11.33
C SER A 110 -10.06 8.09 -12.07
N HIS A 111 -11.06 7.24 -11.79
CA HIS A 111 -12.23 7.50 -10.95
C HIS A 111 -12.60 6.23 -10.21
N LEU A 112 -11.59 5.46 -9.78
CA LEU A 112 -11.87 4.16 -9.20
C LEU A 112 -12.72 4.27 -7.93
N ILE A 113 -12.36 5.16 -7.01
CA ILE A 113 -13.06 5.20 -5.72
C ILE A 113 -14.50 5.63 -5.91
N LYS A 114 -14.73 6.67 -6.73
CA LYS A 114 -16.09 7.17 -6.79
C LYS A 114 -17.04 6.17 -7.43
N GLU A 115 -16.55 5.27 -8.26
N GLU A 115 -16.55 5.27 -8.27
CA GLU A 115 -17.44 4.30 -8.89
CA GLU A 115 -17.40 4.28 -8.92
C GLU A 115 -17.53 2.99 -8.09
C GLU A 115 -17.53 2.99 -8.11
N ALA A 116 -16.79 2.87 -6.99
CA ALA A 116 -16.76 1.64 -6.20
C ALA A 116 -17.85 1.67 -5.13
N GLY A 117 -18.88 0.87 -5.32
CA GLY A 117 -20.00 0.84 -4.38
C GLY A 117 -20.02 -0.34 -3.44
N ASP A 118 -19.51 -1.47 -3.88
CA ASP A 118 -19.49 -2.64 -3.01
C ASP A 118 -18.41 -2.45 -1.95
N ALA A 119 -18.68 -2.99 -0.76
CA ALA A 119 -17.72 -2.84 0.33
C ALA A 119 -16.35 -3.40 -0.05
N GLU A 120 -16.30 -4.55 -0.75
CA GLU A 120 -15.02 -5.16 -1.07
C GLU A 120 -14.18 -4.25 -1.97
N SER A 121 -14.79 -3.64 -2.98
CA SER A 121 -14.00 -2.76 -3.84
C SER A 121 -13.67 -1.45 -3.14
N ARG A 122 -14.65 -0.84 -2.47
CA ARG A 122 -14.40 0.48 -1.89
C ARG A 122 -13.35 0.42 -0.81
N VAL A 123 -13.41 -0.59 0.05
CA VAL A 123 -12.40 -0.76 1.10
C VAL A 123 -11.03 -1.03 0.49
N PHE A 124 -10.98 -1.89 -0.53
CA PHE A 124 -9.71 -2.16 -1.21
C PHE A 124 -9.05 -0.87 -1.72
N TYR A 125 -9.84 -0.01 -2.36
CA TYR A 125 -9.27 1.19 -2.95
C TYR A 125 -8.90 2.20 -1.88
N LEU A 126 -9.72 2.32 -0.83
CA LEU A 126 -9.40 3.27 0.23
C LEU A 126 -8.15 2.81 1.00
N LYS A 127 -7.99 1.51 1.21
CA LYS A 127 -6.73 1.00 1.78
C LYS A 127 -5.54 1.41 0.91
N MET A 128 -5.65 1.20 -0.41
CA MET A 128 -4.57 1.63 -1.29
C MET A 128 -4.29 3.11 -1.13
N LYS A 129 -5.34 3.93 -1.03
CA LYS A 129 -5.13 5.37 -0.88
C LYS A 129 -4.34 5.67 0.39
N GLY A 130 -4.69 4.98 1.49
CA GLY A 130 -3.92 5.15 2.71
C GLY A 130 -2.49 4.71 2.55
N ASP A 131 -2.28 3.55 1.92
CA ASP A 131 -0.95 3.02 1.70
C ASP A 131 -0.06 4.00 0.92
N TYR A 132 -0.57 4.55 -0.19
CA TYR A 132 0.30 5.38 -1.03
C TYR A 132 0.50 6.77 -0.42
N TYR A 133 -0.45 7.30 0.36
CA TYR A 133 -0.16 8.48 1.16
C TYR A 133 0.86 8.16 2.25
N ARG A 134 0.81 6.94 2.81
CA ARG A 134 1.81 6.55 3.79
C ARG A 134 3.21 6.52 3.16
N TYR A 135 3.33 5.99 1.94
CA TYR A 135 4.65 6.00 1.31
C TYR A 135 5.11 7.42 1.04
N LEU A 136 4.20 8.31 0.67
CA LEU A 136 4.57 9.72 0.57
C LEU A 136 5.02 10.25 1.92
N ALA A 137 4.32 9.86 2.99
CA ALA A 137 4.67 10.33 4.33
C ALA A 137 6.05 9.87 4.75
N GLU A 138 6.49 8.68 4.31
CA GLU A 138 7.78 8.15 4.72
C GLU A 138 8.93 9.07 4.29
N VAL A 139 8.76 9.81 3.20
CA VAL A 139 9.83 10.66 2.66
C VAL A 139 9.54 12.13 2.83
N ALA A 140 8.41 12.49 3.44
CA ALA A 140 8.00 13.88 3.54
C ALA A 140 8.75 14.57 4.67
N THR A 141 9.18 15.81 4.39
CA THR A 141 9.98 16.61 5.31
C THR A 141 9.52 18.05 5.42
N GLY A 142 8.68 18.53 4.51
CA GLY A 142 8.37 19.94 4.38
C GLY A 142 7.07 20.33 5.05
N ASP A 143 6.52 21.45 4.59
CA ASP A 143 5.36 22.05 5.25
C ASP A 143 4.05 21.35 4.92
N ASP A 144 4.07 20.30 4.11
CA ASP A 144 2.87 19.49 3.85
C ASP A 144 2.93 18.12 4.50
N LYS A 145 3.99 17.81 5.27
CA LYS A 145 4.09 16.50 5.91
C LYS A 145 2.84 16.20 6.75
N LYS A 146 2.37 17.17 7.53
CA LYS A 146 1.20 16.91 8.37
C LYS A 146 -0.04 16.65 7.52
N ARG A 147 -0.20 17.39 6.42
CA ARG A 147 -1.36 17.15 5.57
C ARG A 147 -1.25 15.80 4.86
N ILE A 148 -0.05 15.37 4.50
CA ILE A 148 0.08 14.06 3.89
C ILE A 148 -0.30 12.97 4.89
N ILE A 149 0.18 13.09 6.13
CA ILE A 149 -0.17 12.13 7.18
C ILE A 149 -1.67 12.12 7.41
N ASP A 150 -2.30 13.30 7.47
CA ASP A 150 -3.73 13.31 7.72
C ASP A 150 -4.50 12.70 6.54
N SER A 151 -3.98 12.84 5.33
CA SER A 151 -4.64 12.21 4.18
C SER A 151 -4.57 10.70 4.28
N ALA A 152 -3.43 10.15 4.69
CA ALA A 152 -3.34 8.72 4.88
C ALA A 152 -4.32 8.27 5.96
N ARG A 153 -4.31 8.97 7.11
N ARG A 153 -4.31 8.97 7.11
CA ARG A 153 -5.19 8.62 8.21
CA ARG A 153 -5.19 8.61 8.21
C ARG A 153 -6.65 8.62 7.78
C ARG A 153 -6.65 8.62 7.81
N SER A 154 -7.07 9.66 7.07
CA SER A 154 -8.48 9.76 6.71
C SER A 154 -8.91 8.65 5.78
N ALA A 155 -8.05 8.26 4.83
CA ALA A 155 -8.42 7.18 3.91
C ALA A 155 -8.53 5.86 4.66
N TYR A 156 -7.51 5.55 5.48
CA TYR A 156 -7.55 4.36 6.32
C TYR A 156 -8.78 4.36 7.20
N GLN A 157 -9.11 5.52 7.78
CA GLN A 157 -10.24 5.57 8.71
C GLN A 157 -11.56 5.28 8.01
N GLU A 158 -11.76 5.87 6.82
CA GLU A 158 -12.99 5.59 6.08
C GLU A 158 -13.07 4.11 5.72
N ALA A 159 -11.92 3.53 5.33
CA ALA A 159 -11.90 2.11 5.00
C ALA A 159 -12.25 1.26 6.22
N MET A 160 -11.69 1.62 7.39
CA MET A 160 -11.96 0.85 8.61
C MET A 160 -13.45 0.92 8.95
N ASP A 161 -14.04 2.11 8.84
CA ASP A 161 -15.45 2.27 9.20
C ASP A 161 -16.34 1.39 8.31
N ILE A 162 -16.07 1.37 7.01
CA ILE A 162 -16.85 0.52 6.10
C ILE A 162 -16.61 -0.95 6.40
N SER A 163 -15.35 -1.34 6.61
CA SER A 163 -15.02 -2.76 6.78
C SER A 163 -15.62 -3.30 8.07
N LYS A 164 -15.68 -2.48 9.10
CA LYS A 164 -16.30 -2.95 10.34
C LYS A 164 -17.80 -3.13 10.16
N LYS A 165 -18.45 -2.28 9.38
CA LYS A 165 -19.88 -2.39 9.17
C LYS A 165 -20.25 -3.52 8.22
N GLU A 166 -19.42 -3.78 7.21
CA GLU A 166 -19.86 -4.55 6.06
C GLU A 166 -19.13 -5.86 5.82
N MET A 167 -18.06 -6.15 6.57
CA MET A 167 -17.23 -7.32 6.33
C MET A 167 -17.05 -8.08 7.63
N PRO A 168 -16.90 -9.40 7.56
CA PRO A 168 -16.63 -10.17 8.78
C PRO A 168 -15.21 -9.93 9.27
N PRO A 169 -14.95 -10.17 10.55
CA PRO A 169 -13.63 -9.85 11.11
C PRO A 169 -12.52 -10.65 10.52
N THR A 170 -12.81 -11.75 9.84
CA THR A 170 -11.77 -12.57 9.20
C THR A 170 -11.54 -12.21 7.73
N ASN A 171 -12.28 -11.27 7.18
CA ASN A 171 -12.09 -10.93 5.77
C ASN A 171 -10.64 -10.52 5.49
N PRO A 172 -9.95 -11.11 4.51
CA PRO A 172 -8.53 -10.77 4.32
C PRO A 172 -8.25 -9.31 4.02
N ILE A 173 -9.15 -8.63 3.31
CA ILE A 173 -8.94 -7.20 3.05
C ILE A 173 -9.10 -6.41 4.34
N ARG A 174 -10.11 -6.73 5.14
CA ARG A 174 -10.26 -6.09 6.44
C ARG A 174 -9.02 -6.31 7.30
N LEU A 175 -8.47 -7.52 7.28
CA LEU A 175 -7.31 -7.81 8.11
C LEU A 175 -6.06 -7.08 7.61
N GLY A 176 -5.82 -7.06 6.30
CA GLY A 176 -4.65 -6.38 5.78
C GLY A 176 -4.75 -4.88 5.94
N LEU A 177 -5.97 -4.36 5.82
CA LEU A 177 -6.21 -2.95 6.15
C LEU A 177 -5.81 -2.64 7.58
N ALA A 178 -6.31 -3.42 8.54
CA ALA A 178 -5.99 -3.15 9.94
C ALA A 178 -4.49 -3.28 10.19
N LEU A 179 -3.88 -4.31 9.62
CA LEU A 179 -2.44 -4.44 9.71
C LEU A 179 -1.72 -3.17 9.28
N ASN A 180 -2.06 -2.67 8.11
CA ASN A 180 -1.33 -1.51 7.56
C ASN A 180 -1.66 -0.22 8.31
N PHE A 181 -2.91 -0.05 8.77
CA PHE A 181 -3.25 1.11 9.58
C PHE A 181 -2.45 1.06 10.88
N SER A 182 -2.27 -0.15 11.42
N SER A 182 -2.26 -0.15 11.42
CA SER A 182 -1.45 -0.31 12.61
CA SER A 182 -1.44 -0.28 12.64
C SER A 182 0.00 0.09 12.35
C SER A 182 0.01 0.09 12.36
N VAL A 183 0.54 -0.30 11.20
CA VAL A 183 1.89 0.13 10.83
C VAL A 183 1.94 1.65 10.68
N PHE A 184 0.91 2.24 10.06
CA PHE A 184 0.82 3.70 9.99
C PHE A 184 0.91 4.31 11.39
N HIS A 185 0.13 3.78 12.34
CA HIS A 185 0.17 4.35 13.68
C HIS A 185 1.58 4.26 14.27
N TYR A 186 2.23 3.11 14.09
CA TYR A 186 3.51 2.85 14.73
C TYR A 186 4.64 3.65 14.07
N GLU A 187 4.69 3.65 12.74
CA GLU A 187 5.84 4.18 12.01
C GLU A 187 5.69 5.62 11.58
N ILE A 188 4.47 6.08 11.34
CA ILE A 188 4.21 7.39 10.76
C ILE A 188 3.65 8.35 11.80
N ALA A 189 2.65 7.91 12.57
CA ALA A 189 1.91 8.82 13.43
C ALA A 189 2.46 8.87 14.85
N ASN A 190 3.54 8.17 15.12
CA ASN A 190 4.15 8.18 16.45
C ASN A 190 3.15 7.77 17.52
N SER A 191 2.34 6.76 17.23
CA SER A 191 1.29 6.29 18.15
C SER A 191 1.41 4.79 18.34
N PRO A 192 2.51 4.33 18.94
CA PRO A 192 2.72 2.87 19.08
C PRO A 192 1.64 2.21 19.93
N GLU A 193 1.08 2.89 20.91
CA GLU A 193 0.02 2.25 21.69
C GLU A 193 -1.22 2.01 20.84
N GLU A 194 -1.59 2.98 20.00
CA GLU A 194 -2.70 2.75 19.06
C GLU A 194 -2.38 1.59 18.13
N ALA A 195 -1.15 1.52 17.63
CA ALA A 195 -0.75 0.43 16.74
C ALA A 195 -0.93 -0.93 17.41
N ILE A 196 -0.47 -1.05 18.65
CA ILE A 196 -0.55 -2.31 19.38
C ILE A 196 -2.01 -2.66 19.67
N SER A 197 -2.79 -1.69 20.14
N SER A 197 -2.78 -1.69 20.14
CA SER A 197 -4.19 -1.97 20.45
CA SER A 197 -4.19 -1.94 20.45
C SER A 197 -4.96 -2.42 19.22
C SER A 197 -4.94 -2.42 19.23
N LEU A 198 -4.75 -1.74 18.10
CA LEU A 198 -5.45 -2.12 16.89
C LEU A 198 -5.06 -3.51 16.46
N ALA A 199 -3.76 -3.83 16.50
CA ALA A 199 -3.33 -5.15 16.05
C ALA A 199 -3.90 -6.25 16.96
N LYS A 200 -3.90 -6.02 18.27
CA LYS A 200 -4.41 -7.02 19.22
C LYS A 200 -5.92 -7.23 19.04
N THR A 201 -6.69 -6.14 18.98
N THR A 201 -6.69 -6.14 18.98
CA THR A 201 -8.15 -6.28 18.82
CA THR A 201 -8.14 -6.30 18.84
C THR A 201 -8.49 -6.94 17.50
C THR A 201 -8.50 -6.93 17.49
N THR A 202 -7.79 -6.55 16.44
CA THR A 202 -8.04 -7.17 15.13
C THR A 202 -7.77 -8.67 15.19
N PHE A 203 -6.63 -9.04 15.79
CA PHE A 203 -6.27 -10.46 15.87
C PHE A 203 -7.32 -11.25 16.66
N ASP A 204 -7.72 -10.72 17.82
CA ASP A 204 -8.63 -11.43 18.71
C ASP A 204 -10.02 -11.56 18.09
N GLU A 205 -10.50 -10.51 17.41
CA GLU A 205 -11.82 -10.62 16.80
C GLU A 205 -11.79 -11.59 15.62
N ALA A 206 -10.67 -11.69 14.91
CA ALA A 206 -10.58 -12.67 13.84
C ALA A 206 -10.56 -14.09 14.39
N MET A 207 -9.74 -14.32 15.43
N MET A 207 -9.75 -14.32 15.43
CA MET A 207 -9.66 -15.62 16.07
CA MET A 207 -9.66 -15.66 16.02
C MET A 207 -11.04 -16.18 16.34
C MET A 207 -11.04 -16.20 16.37
N ALA A 208 -11.92 -15.34 16.88
CA ALA A 208 -13.23 -15.76 17.35
C ALA A 208 -14.19 -16.04 16.21
N ASP A 209 -13.86 -15.65 14.98
CA ASP A 209 -14.68 -15.87 13.80
C ASP A 209 -14.14 -16.99 12.91
N LEU A 210 -12.97 -17.55 13.24
CA LEU A 210 -12.38 -18.56 12.39
C LEU A 210 -13.27 -19.79 12.25
N HIS A 211 -14.06 -20.11 13.26
CA HIS A 211 -14.85 -21.34 13.24
C HIS A 211 -15.88 -21.34 12.11
N THR A 212 -16.20 -20.16 11.56
CA THR A 212 -17.22 -20.05 10.53
C THR A 212 -16.71 -20.36 9.14
N LEU A 213 -15.42 -20.57 8.99
CA LEU A 213 -14.75 -20.57 7.69
C LEU A 213 -14.48 -21.97 7.15
N SER A 214 -14.42 -22.05 5.83
CA SER A 214 -13.89 -23.21 5.14
C SER A 214 -12.38 -23.34 5.38
N GLU A 215 -11.85 -24.50 5.01
CA GLU A 215 -10.40 -24.71 5.14
C GLU A 215 -9.62 -23.70 4.33
N ASP A 216 -10.07 -23.41 3.11
CA ASP A 216 -9.32 -22.47 2.26
C ASP A 216 -9.41 -21.05 2.82
N SER A 217 -10.59 -20.64 3.25
CA SER A 217 -10.74 -19.31 3.84
C SER A 217 -9.96 -19.20 5.15
N TYR A 218 -9.95 -20.27 5.94
CA TYR A 218 -9.14 -20.30 7.16
C TYR A 218 -7.67 -20.07 6.85
N LYS A 219 -7.16 -20.71 5.79
CA LYS A 219 -5.77 -20.49 5.42
C LYS A 219 -5.51 -19.03 5.04
N ASP A 220 -6.40 -18.44 4.25
CA ASP A 220 -6.23 -17.04 3.83
C ASP A 220 -6.21 -16.11 5.04
N SER A 221 -7.16 -16.30 5.97
CA SER A 221 -7.24 -15.41 7.14
C SER A 221 -6.07 -15.61 8.10
N THR A 222 -5.70 -16.86 8.40
CA THR A 222 -4.65 -17.06 9.40
C THR A 222 -3.30 -16.55 8.90
N LEU A 223 -3.08 -16.55 7.59
CA LEU A 223 -1.83 -15.99 7.07
C LEU A 223 -1.65 -14.54 7.48
N ILE A 224 -2.71 -13.73 7.33
CA ILE A 224 -2.59 -12.33 7.69
C ILE A 224 -2.64 -12.14 9.20
N MET A 225 -3.36 -13.00 9.91
CA MET A 225 -3.33 -12.94 11.36
C MET A 225 -1.90 -13.16 11.87
N GLN A 226 -1.15 -14.05 11.23
CA GLN A 226 0.22 -14.27 11.65
C GLN A 226 1.07 -13.02 11.49
N LEU A 227 0.81 -12.20 10.47
CA LEU A 227 1.54 -10.95 10.33
C LEU A 227 1.20 -9.97 11.45
N LEU A 228 -0.07 -9.92 11.88
CA LEU A 228 -0.41 -9.11 13.04
C LEU A 228 0.36 -9.57 14.27
N ARG A 229 0.38 -10.90 14.50
CA ARG A 229 1.14 -11.44 15.63
C ARG A 229 2.62 -11.10 15.51
N ASP A 230 3.21 -11.20 14.31
CA ASP A 230 4.64 -10.90 14.16
C ASP A 230 4.94 -9.46 14.57
N ASN A 231 4.08 -8.53 14.15
CA ASN A 231 4.26 -7.13 14.54
C ASN A 231 4.14 -6.96 16.04
N LEU A 232 3.11 -7.57 16.65
CA LEU A 232 2.97 -7.47 18.10
C LEU A 232 4.20 -7.99 18.82
N THR A 233 4.80 -9.07 18.30
CA THR A 233 6.00 -9.63 18.94
C THR A 233 7.16 -8.67 18.82
N LEU A 234 7.25 -7.96 17.71
CA LEU A 234 8.31 -6.99 17.53
C LEU A 234 8.10 -5.78 18.42
N TRP A 235 6.85 -5.39 18.63
CA TRP A 235 6.53 -4.12 19.27
C TRP A 235 6.35 -4.24 20.77
N THR A 236 6.26 -5.44 21.34
CA THR A 236 6.01 -5.60 22.76
C THR A 236 7.01 -6.53 23.44
N LYS B 11 -5.78 -14.39 -2.54
CA LYS B 11 -6.26 -15.53 -3.35
C LYS B 11 -7.42 -15.21 -4.29
#